data_8R0D
#
_entry.id   8R0D
#
_cell.length_a   62.890
_cell.length_b   85.520
_cell.length_c   109.720
_cell.angle_alpha   90.000
_cell.angle_beta   90.000
_cell.angle_gamma   90.000
#
_symmetry.space_group_name_H-M   'I 2 2 2'
#
loop_
_entity.id
_entity.type
_entity.pdbx_description
1 polymer Borneoldehydrogenase
2 non-polymer 1,2-ETHANEDIOL
3 non-polymer 'FORMIC ACID'
4 water water
#
_entity_poly.entity_id   1
_entity_poly.type   'polypeptide(L)'
_entity_poly.pdbx_seq_one_letter_code
;MGSSHHHHHHSSGLVPRGSHMSKRLEGKVAIITGGASGIGASTVQLFHENGAKVVIADIQDDLGQAIANKLGKNVCYIHC
DVSNEDDIINLVDTTVAKYGKLDIMYNNAGIIDRPFGSILDTTKSDLERVLGVNLVGAFLGAKHAARVMVPQKKGCILFT
ASACTAIAGLSTHAYAVSKYGIVGLAKNLAAELGQHGIRVNCVSPYGVVTGIGGVSEVDVAVVEAMLSEVGNLKGQILKA
EGVAKAALYLASDEANYVSGLNLVVDGGFSVVNPTMMKALNPPES
;
_entity_poly.pdbx_strand_id   A
#
loop_
_chem_comp.id
_chem_comp.type
_chem_comp.name
_chem_comp.formula
EDO non-polymer 1,2-ETHANEDIOL 'C2 H6 O2'
FMT non-polymer 'FORMIC ACID' 'C H2 O2'
#
# COMPACT_ATOMS: atom_id res chain seq x y z
N SER A 22 16.64 12.91 -11.35
CA SER A 22 15.70 13.33 -10.33
C SER A 22 14.27 12.87 -10.63
N LYS A 23 14.00 12.55 -11.89
CA LYS A 23 12.68 12.11 -12.33
C LYS A 23 12.71 10.60 -12.55
N ARG A 24 12.83 9.87 -11.45
N ARG A 24 12.82 9.88 -11.44
CA ARG A 24 13.04 8.44 -11.56
CA ARG A 24 13.03 8.43 -11.51
C ARG A 24 11.81 7.68 -12.00
C ARG A 24 11.80 7.67 -12.00
N LEU A 25 10.65 8.34 -12.16
CA LEU A 25 9.43 7.67 -12.60
C LEU A 25 8.82 8.38 -13.80
N GLU A 26 9.64 9.08 -14.58
N GLU A 26 9.66 9.02 -14.62
CA GLU A 26 9.09 9.92 -15.63
CA GLU A 26 9.25 9.76 -15.80
C GLU A 26 8.23 9.10 -16.58
C GLU A 26 8.22 9.00 -16.64
N GLY A 27 7.01 9.56 -16.78
CA GLY A 27 6.06 8.96 -17.70
C GLY A 27 5.31 7.75 -17.17
N LYS A 28 5.67 7.24 -16.00
CA LYS A 28 5.00 6.07 -15.44
C LYS A 28 3.68 6.47 -14.84
N VAL A 29 2.75 5.52 -14.80
CA VAL A 29 1.39 5.72 -14.31
C VAL A 29 1.23 4.82 -13.09
N ALA A 30 0.96 5.42 -11.94
CA ALA A 30 0.87 4.69 -10.67
C ALA A 30 -0.51 4.88 -10.05
N ILE A 31 -1.06 3.80 -9.51
CA ILE A 31 -2.23 3.86 -8.63
C ILE A 31 -1.76 3.58 -7.22
N ILE A 32 -2.23 4.37 -6.25
CA ILE A 32 -1.81 4.18 -4.86
C ILE A 32 -3.08 4.12 -4.01
N THR A 33 -3.38 2.94 -3.44
CA THR A 33 -4.55 2.90 -2.56
C THR A 33 -4.17 3.38 -1.16
N GLY A 34 -5.18 3.74 -0.37
CA GLY A 34 -4.89 4.44 0.87
C GLY A 34 -4.07 5.69 0.65
N GLY A 35 -4.21 6.33 -0.55
CA GLY A 35 -3.31 7.39 -0.87
C GLY A 35 -3.61 8.72 -0.23
N ALA A 36 -4.67 8.81 0.58
CA ALA A 36 -5.05 10.13 1.12
C ALA A 36 -4.35 10.44 2.43
N SER A 37 -3.64 9.48 3.03
CA SER A 37 -3.02 9.75 4.32
C SER A 37 -1.78 8.88 4.49
N GLY A 38 -0.98 9.21 5.51
CA GLY A 38 0.05 8.26 5.95
C GLY A 38 1.06 7.91 4.86
N ILE A 39 1.48 6.63 4.83
CA ILE A 39 2.42 6.15 3.82
C ILE A 39 1.88 6.42 2.41
N GLY A 40 0.59 6.15 2.19
CA GLY A 40 0.05 6.35 0.85
C GLY A 40 0.25 7.78 0.37
N ALA A 41 -0.08 8.76 1.22
CA ALA A 41 0.05 10.16 0.84
C ALA A 41 1.50 10.55 0.61
N SER A 42 2.42 10.10 1.47
N SER A 42 2.41 10.08 1.46
CA SER A 42 3.83 10.38 1.22
CA SER A 42 3.83 10.32 1.29
C SER A 42 4.26 9.83 -0.14
C SER A 42 4.34 9.75 -0.03
N THR A 43 3.76 8.63 -0.48
CA THR A 43 4.17 8.04 -1.74
C THR A 43 3.56 8.78 -2.93
N VAL A 44 2.31 9.21 -2.80
CA VAL A 44 1.68 10.04 -3.83
C VAL A 44 2.56 11.23 -4.13
N GLN A 45 2.96 11.93 -3.07
CA GLN A 45 3.73 13.14 -3.27
C GLN A 45 5.08 12.83 -3.92
N LEU A 46 5.78 11.83 -3.37
CA LEU A 46 7.10 11.48 -3.88
C LEU A 46 7.03 11.00 -5.33
N PHE A 47 6.04 10.18 -5.67
CA PHE A 47 5.90 9.72 -7.05
C PHE A 47 5.63 10.90 -7.97
N HIS A 48 4.77 11.81 -7.52
CA HIS A 48 4.49 13.01 -8.31
C HIS A 48 5.75 13.83 -8.52
N GLU A 49 6.51 14.11 -7.44
CA GLU A 49 7.78 14.82 -7.60
C GLU A 49 8.75 14.12 -8.54
N ASN A 50 8.58 12.82 -8.77
CA ASN A 50 9.50 12.05 -9.59
C ASN A 50 8.95 11.77 -10.98
N GLY A 51 7.90 12.48 -11.40
CA GLY A 51 7.50 12.47 -12.77
C GLY A 51 6.37 11.52 -13.11
N ALA A 52 5.82 10.81 -12.12
CA ALA A 52 4.77 9.86 -12.45
C ALA A 52 3.44 10.60 -12.58
N LYS A 53 2.52 9.99 -13.34
CA LYS A 53 1.10 10.32 -13.24
C LYS A 53 0.56 9.51 -12.08
N VAL A 54 -0.20 10.13 -11.17
CA VAL A 54 -0.60 9.41 -9.95
C VAL A 54 -2.11 9.45 -9.78
N VAL A 55 -2.72 8.29 -9.55
CA VAL A 55 -4.12 8.15 -9.18
C VAL A 55 -4.19 7.82 -7.70
N ILE A 56 -4.76 8.73 -6.92
CA ILE A 56 -4.99 8.54 -5.49
C ILE A 56 -6.30 7.79 -5.33
N ALA A 57 -6.25 6.60 -4.74
CA ALA A 57 -7.47 5.86 -4.41
C ALA A 57 -7.65 5.81 -2.89
N ASP A 58 -8.80 6.26 -2.40
CA ASP A 58 -9.06 6.20 -0.96
C ASP A 58 -10.57 6.30 -0.76
N ILE A 59 -10.99 6.37 0.50
CA ILE A 59 -12.36 6.67 0.85
C ILE A 59 -12.46 7.97 1.63
N GLN A 60 -11.33 8.60 1.92
CA GLN A 60 -11.33 9.90 2.59
C GLN A 60 -11.29 10.97 1.50
N ASP A 61 -12.49 11.29 0.98
CA ASP A 61 -12.59 12.12 -0.23
C ASP A 61 -12.05 13.53 0.00
N ASP A 62 -12.34 14.13 1.15
CA ASP A 62 -11.88 15.49 1.42
CA ASP A 62 -11.89 15.49 1.38
C ASP A 62 -10.36 15.58 1.38
N LEU A 63 -9.70 14.72 2.17
CA LEU A 63 -8.24 14.68 2.16
C LEU A 63 -7.71 14.34 0.77
N GLY A 64 -8.28 13.30 0.15
CA GLY A 64 -7.73 12.85 -1.12
C GLY A 64 -7.89 13.86 -2.24
N GLN A 65 -9.06 14.48 -2.34
CA GLN A 65 -9.28 15.48 -3.38
C GLN A 65 -8.40 16.69 -3.14
N ALA A 66 -8.19 17.06 -1.88
CA ALA A 66 -7.35 18.21 -1.57
C ALA A 66 -5.92 17.98 -2.05
N ILE A 67 -5.41 16.76 -1.85
CA ILE A 67 -4.04 16.48 -2.28
C ILE A 67 -3.95 16.52 -3.81
N ALA A 68 -4.91 15.88 -4.49
CA ALA A 68 -4.95 15.96 -5.94
C ALA A 68 -4.96 17.40 -6.42
N ASN A 69 -5.87 18.22 -5.87
CA ASN A 69 -5.95 19.63 -6.27
C ASN A 69 -4.64 20.37 -6.06
N LYS A 70 -4.00 20.14 -4.90
CA LYS A 70 -2.71 20.77 -4.61
C LYS A 70 -1.66 20.36 -5.62
N LEU A 71 -1.58 19.06 -5.94
CA LEU A 71 -0.46 18.64 -6.77
C LEU A 71 -0.66 18.96 -8.25
N GLY A 72 -1.90 19.11 -8.74
CA GLY A 72 -2.10 19.53 -10.13
C GLY A 72 -2.46 18.41 -11.09
N LYS A 73 -2.33 18.72 -12.40
CA LYS A 73 -3.04 17.97 -13.44
C LYS A 73 -2.64 16.49 -13.53
N ASN A 74 -1.39 16.16 -13.23
CA ASN A 74 -0.97 14.77 -13.34
C ASN A 74 -1.32 13.94 -12.12
N VAL A 75 -2.20 14.44 -11.27
CA VAL A 75 -2.69 13.73 -10.09
C VAL A 75 -4.21 13.82 -10.09
N CYS A 76 -4.86 12.70 -9.82
CA CYS A 76 -6.31 12.77 -9.68
C CYS A 76 -6.73 11.83 -8.57
N TYR A 77 -7.92 12.07 -8.04
CA TYR A 77 -8.43 11.32 -6.91
C TYR A 77 -9.61 10.50 -7.36
N ILE A 78 -9.65 9.23 -6.94
CA ILE A 78 -10.80 8.38 -7.25
C ILE A 78 -11.24 7.67 -5.97
N HIS A 79 -12.51 7.86 -5.60
CA HIS A 79 -13.10 7.13 -4.47
C HIS A 79 -13.06 5.62 -4.72
N CYS A 80 -12.51 4.84 -3.78
CA CYS A 80 -12.43 3.38 -4.01
C CYS A 80 -12.34 2.69 -2.66
N ASP A 81 -13.38 1.93 -2.34
CA ASP A 81 -13.33 1.00 -1.22
C ASP A 81 -12.70 -0.28 -1.75
N VAL A 82 -11.47 -0.59 -1.33
CA VAL A 82 -10.72 -1.66 -2.02
C VAL A 82 -11.34 -3.02 -1.76
N SER A 83 -12.16 -3.14 -0.72
CA SER A 83 -12.84 -4.41 -0.50
C SER A 83 -13.99 -4.63 -1.47
N ASN A 84 -14.35 -3.61 -2.24
CA ASN A 84 -15.48 -3.67 -3.17
C ASN A 84 -14.90 -3.86 -4.56
N GLU A 85 -15.18 -5.02 -5.20
CA GLU A 85 -14.52 -5.27 -6.47
C GLU A 85 -15.00 -4.34 -7.58
N ASP A 86 -16.25 -3.86 -7.52
CA ASP A 86 -16.67 -2.91 -8.54
C ASP A 86 -15.88 -1.60 -8.43
N ASP A 87 -15.62 -1.13 -7.21
CA ASP A 87 -14.77 0.04 -7.05
C ASP A 87 -13.37 -0.21 -7.64
N ILE A 88 -12.79 -1.38 -7.37
CA ILE A 88 -11.44 -1.67 -7.88
C ILE A 88 -11.44 -1.64 -9.40
N ILE A 89 -12.45 -2.27 -10.01
CA ILE A 89 -12.55 -2.26 -11.47
C ILE A 89 -12.66 -0.84 -11.97
N ASN A 90 -13.53 -0.06 -11.34
CA ASN A 90 -13.67 1.33 -11.77
C ASN A 90 -12.34 2.07 -11.67
N LEU A 91 -11.59 1.82 -10.60
CA LEU A 91 -10.33 2.52 -10.37
C LEU A 91 -9.31 2.16 -11.45
N VAL A 92 -9.19 0.88 -11.75
CA VAL A 92 -8.19 0.47 -12.72
C VAL A 92 -8.60 0.91 -14.12
N ASP A 93 -9.87 0.66 -14.47
CA ASP A 93 -10.32 0.96 -15.82
C ASP A 93 -10.23 2.46 -16.11
N THR A 94 -10.61 3.28 -15.14
CA THR A 94 -10.54 4.74 -15.33
C THR A 94 -9.09 5.20 -15.51
N THR A 95 -8.17 4.66 -14.70
CA THR A 95 -6.77 5.00 -14.83
C THR A 95 -6.26 4.66 -16.23
N VAL A 96 -6.58 3.46 -16.71
CA VAL A 96 -6.11 3.03 -18.02
C VAL A 96 -6.77 3.87 -19.11
N ALA A 97 -8.06 4.18 -18.97
CA ALA A 97 -8.75 5.01 -19.96
C ALA A 97 -8.13 6.39 -20.00
N LYS A 98 -7.73 6.91 -18.84
CA LYS A 98 -7.15 8.24 -18.77
C LYS A 98 -5.74 8.27 -19.34
N TYR A 99 -4.91 7.26 -19.02
CA TYR A 99 -3.50 7.33 -19.38
C TYR A 99 -3.04 6.26 -20.36
N GLY A 100 -3.88 5.31 -20.73
CA GLY A 100 -3.48 4.32 -21.70
C GLY A 100 -2.72 3.14 -21.14
N LYS A 101 -2.24 3.23 -19.89
CA LYS A 101 -1.45 2.13 -19.34
C LYS A 101 -1.49 2.16 -17.82
N LEU A 102 -0.93 1.12 -17.21
CA LEU A 102 -0.78 1.11 -15.76
C LEU A 102 0.60 0.52 -15.47
N ASP A 103 1.50 1.35 -14.97
CA ASP A 103 2.83 0.84 -14.67
C ASP A 103 2.95 0.28 -13.26
N ILE A 104 2.28 0.91 -12.29
CA ILE A 104 2.52 0.61 -10.87
C ILE A 104 1.18 0.54 -10.14
N MET A 105 0.94 -0.58 -9.45
CA MET A 105 -0.25 -0.71 -8.63
C MET A 105 0.21 -0.91 -7.19
N TYR A 106 0.02 0.09 -6.33
CA TYR A 106 0.52 0.03 -4.97
C TYR A 106 -0.68 -0.17 -4.06
N ASN A 107 -0.91 -1.43 -3.65
CA ASN A 107 -2.00 -1.82 -2.76
C ASN A 107 -1.54 -1.59 -1.33
N ASN A 108 -1.79 -0.37 -0.86
CA ASN A 108 -1.26 0.11 0.42
C ASN A 108 -2.34 0.28 1.48
N ALA A 109 -3.61 0.41 1.09
CA ALA A 109 -4.67 0.67 2.07
C ALA A 109 -4.66 -0.41 3.16
N GLY A 110 -4.79 0.02 4.42
CA GLY A 110 -4.87 -0.91 5.52
C GLY A 110 -5.61 -0.36 6.73
N ILE A 111 -6.36 -1.20 7.43
CA ILE A 111 -7.01 -0.81 8.68
C ILE A 111 -6.65 -1.81 9.78
N ILE A 112 -6.97 -1.44 11.01
CA ILE A 112 -6.70 -2.26 12.18
C ILE A 112 -7.94 -2.29 13.07
N ASP A 113 -8.10 -3.40 13.81
CA ASP A 113 -9.14 -3.53 14.84
C ASP A 113 -8.55 -3.07 16.17
N ARG A 114 -9.03 -3.56 17.29
CA ARG A 114 -8.66 -2.99 18.60
C ARG A 114 -7.21 -3.28 18.96
N PRO A 115 -6.32 -2.28 18.96
CA PRO A 115 -4.89 -2.58 19.10
C PRO A 115 -4.59 -3.21 20.45
N PHE A 116 -3.60 -4.12 20.43
N PHE A 116 -3.59 -4.09 20.46
CA PHE A 116 -3.02 -4.77 21.59
CA PHE A 116 -3.03 -4.73 21.66
C PHE A 116 -4.00 -5.69 22.33
C PHE A 116 -3.96 -5.78 22.28
N GLY A 117 -5.12 -6.06 21.68
CA GLY A 117 -6.03 -7.03 22.27
C GLY A 117 -5.56 -8.47 22.16
N SER A 118 -6.09 -9.32 23.06
CA SER A 118 -5.73 -10.72 23.10
C SER A 118 -6.46 -11.48 22.00
N ILE A 119 -5.92 -12.65 21.62
CA ILE A 119 -6.68 -13.50 20.69
C ILE A 119 -8.05 -13.82 21.29
N LEU A 120 -8.11 -13.97 22.62
CA LEU A 120 -9.35 -14.36 23.30
C LEU A 120 -10.49 -13.39 23.06
N ASP A 121 -10.19 -12.13 22.73
CA ASP A 121 -11.21 -11.08 22.64
C ASP A 121 -11.39 -10.51 21.24
N THR A 122 -10.77 -11.11 20.22
CA THR A 122 -11.00 -10.65 18.85
C THR A 122 -12.35 -11.16 18.36
N THR A 123 -13.20 -10.27 17.86
CA THR A 123 -14.48 -10.74 17.32
C THR A 123 -14.33 -11.20 15.88
N LYS A 124 -15.17 -12.17 15.47
CA LYS A 124 -15.20 -12.57 14.07
C LYS A 124 -15.45 -11.37 13.15
N SER A 125 -16.41 -10.52 13.51
CA SER A 125 -16.72 -9.35 12.70
C SER A 125 -15.48 -8.47 12.49
N ASP A 126 -14.71 -8.22 13.55
CA ASP A 126 -13.53 -7.40 13.40
C ASP A 126 -12.50 -8.09 12.54
N LEU A 127 -12.29 -9.38 12.76
CA LEU A 127 -11.34 -10.12 11.92
C LEU A 127 -11.76 -10.03 10.46
N GLU A 128 -13.05 -10.25 10.19
N GLU A 128 -13.05 -10.27 10.18
CA GLU A 128 -13.46 -10.27 8.79
CA GLU A 128 -13.48 -10.28 8.79
C GLU A 128 -13.38 -8.90 8.17
C GLU A 128 -13.40 -8.90 8.16
N ARG A 129 -13.52 -7.84 8.96
CA ARG A 129 -13.39 -6.49 8.37
C ARG A 129 -11.93 -6.19 8.03
N VAL A 130 -11.01 -6.55 8.92
CA VAL A 130 -9.60 -6.32 8.66
C VAL A 130 -9.15 -7.14 7.47
N LEU A 131 -9.54 -8.42 7.40
CA LEU A 131 -9.15 -9.25 6.26
C LEU A 131 -9.76 -8.69 4.97
N GLY A 132 -10.99 -8.18 5.05
CA GLY A 132 -11.66 -7.73 3.84
C GLY A 132 -10.95 -6.55 3.20
N VAL A 133 -10.61 -5.55 4.01
CA VAL A 133 -9.90 -4.40 3.47
C VAL A 133 -8.44 -4.75 3.19
N ASN A 134 -7.76 -5.42 4.13
CA ASN A 134 -6.31 -5.55 3.97
C ASN A 134 -5.96 -6.65 2.99
N LEU A 135 -6.56 -7.83 3.16
CA LEU A 135 -6.14 -9.01 2.40
C LEU A 135 -6.96 -9.16 1.11
N VAL A 136 -8.29 -9.21 1.23
CA VAL A 136 -9.10 -9.32 0.01
C VAL A 136 -8.90 -8.09 -0.88
N GLY A 137 -8.89 -6.91 -0.27
CA GLY A 137 -8.69 -5.70 -1.06
C GLY A 137 -7.37 -5.73 -1.81
N ALA A 138 -6.32 -6.19 -1.15
CA ALA A 138 -5.03 -6.32 -1.85
C ALA A 138 -5.12 -7.35 -2.97
N PHE A 139 -5.78 -8.47 -2.70
CA PHE A 139 -5.96 -9.50 -3.72
C PHE A 139 -6.70 -8.97 -4.93
N LEU A 140 -7.81 -8.26 -4.71
CA LEU A 140 -8.59 -7.72 -5.83
C LEU A 140 -7.82 -6.65 -6.61
N GLY A 141 -7.12 -5.78 -5.91
CA GLY A 141 -6.31 -4.81 -6.63
C GLY A 141 -5.26 -5.48 -7.50
N ALA A 142 -4.60 -6.50 -6.96
CA ALA A 142 -3.59 -7.22 -7.72
C ALA A 142 -4.21 -7.93 -8.92
N LYS A 143 -5.38 -8.55 -8.72
CA LYS A 143 -6.05 -9.25 -9.82
C LYS A 143 -6.33 -8.32 -10.98
N HIS A 144 -6.91 -7.15 -10.70
CA HIS A 144 -7.28 -6.31 -11.82
C HIS A 144 -6.11 -5.52 -12.36
N ALA A 145 -5.10 -5.21 -11.55
CA ALA A 145 -3.88 -4.66 -12.14
C ALA A 145 -3.20 -5.68 -13.06
N ALA A 146 -3.12 -6.94 -12.62
CA ALA A 146 -2.50 -7.97 -13.46
C ALA A 146 -3.27 -8.13 -14.76
N ARG A 147 -4.60 -7.97 -14.74
N ARG A 147 -4.60 -7.97 -14.71
CA ARG A 147 -5.37 -8.07 -15.97
CA ARG A 147 -5.41 -8.04 -15.92
C ARG A 147 -4.89 -7.06 -17.00
C ARG A 147 -4.91 -7.06 -16.98
N VAL A 148 -4.51 -5.87 -16.55
CA VAL A 148 -3.98 -4.86 -17.46
C VAL A 148 -2.51 -5.08 -17.76
N MET A 149 -1.73 -5.50 -16.76
CA MET A 149 -0.28 -5.53 -16.96
C MET A 149 0.16 -6.73 -17.79
N VAL A 150 -0.54 -7.85 -17.73
CA VAL A 150 -0.11 -9.01 -18.50
C VAL A 150 -0.05 -8.71 -20.00
N PRO A 151 -1.06 -8.09 -20.63
CA PRO A 151 -0.90 -7.71 -22.06
C PRO A 151 0.22 -6.72 -22.29
N GLN A 152 0.55 -5.86 -21.33
CA GLN A 152 1.68 -4.96 -21.48
C GLN A 152 3.02 -5.69 -21.39
N LYS A 153 3.05 -6.89 -20.80
N LYS A 153 3.04 -6.90 -20.83
CA LYS A 153 4.32 -7.56 -20.49
CA LYS A 153 4.29 -7.58 -20.46
C LYS A 153 5.22 -6.66 -19.65
C LYS A 153 5.19 -6.64 -19.67
N LYS A 154 4.60 -5.86 -18.78
N LYS A 154 4.59 -5.87 -18.77
CA LYS A 154 5.33 -4.84 -18.04
CA LYS A 154 5.31 -4.82 -18.05
C LYS A 154 4.46 -4.39 -16.86
C LYS A 154 4.45 -4.39 -16.86
N GLY A 155 5.08 -4.17 -15.72
CA GLY A 155 4.33 -3.69 -14.58
C GLY A 155 5.01 -4.01 -13.28
N CYS A 156 4.58 -3.30 -12.24
CA CYS A 156 5.10 -3.47 -10.89
C CYS A 156 3.93 -3.43 -9.91
N ILE A 157 3.70 -4.52 -9.18
CA ILE A 157 2.61 -4.57 -8.22
C ILE A 157 3.24 -4.56 -6.84
N LEU A 158 2.83 -3.60 -6.00
CA LEU A 158 3.38 -3.44 -4.67
C LEU A 158 2.29 -3.61 -3.63
N PHE A 159 2.71 -4.03 -2.43
CA PHE A 159 1.85 -4.12 -1.28
C PHE A 159 2.57 -3.51 -0.08
N THR A 160 1.80 -2.90 0.81
CA THR A 160 2.33 -2.56 2.12
C THR A 160 2.09 -3.74 3.06
N ALA A 161 3.17 -4.35 3.54
CA ALA A 161 2.99 -5.50 4.42
C ALA A 161 3.57 -5.17 5.80
N SER A 162 4.31 -6.10 6.40
CA SER A 162 4.88 -5.91 7.73
C SER A 162 6.17 -6.71 7.81
N ALA A 163 6.91 -6.53 8.90
CA ALA A 163 7.97 -7.47 9.22
C ALA A 163 7.42 -8.89 9.38
N CYS A 164 8.26 -9.90 9.20
N CYS A 164 8.31 -9.88 9.20
CA CYS A 164 7.77 -11.28 9.27
CA CYS A 164 7.95 -11.31 9.22
C CYS A 164 8.09 -11.96 10.60
C CYS A 164 7.93 -11.90 10.63
N THR A 165 8.44 -11.19 11.62
CA THR A 165 8.45 -11.66 12.99
C THR A 165 7.03 -11.49 13.53
N ALA A 166 6.82 -11.76 14.82
CA ALA A 166 5.47 -11.75 15.37
C ALA A 166 5.15 -10.32 15.78
N ILE A 167 4.35 -9.60 14.96
CA ILE A 167 4.05 -8.19 15.23
C ILE A 167 2.71 -7.98 15.92
N ALA A 168 1.96 -9.04 16.24
CA ALA A 168 0.63 -8.81 16.79
C ALA A 168 0.66 -8.06 18.11
N GLY A 169 1.72 -8.29 18.90
CA GLY A 169 1.83 -7.62 20.19
C GLY A 169 1.87 -6.11 20.07
N LEU A 170 2.28 -5.59 18.91
CA LEU A 170 2.33 -4.16 18.63
C LEU A 170 1.31 -3.75 17.58
N SER A 171 0.38 -4.63 17.25
CA SER A 171 -0.71 -4.32 16.34
C SER A 171 -1.93 -5.10 16.85
N THR A 172 -2.40 -6.07 16.06
CA THR A 172 -3.39 -7.04 16.50
C THR A 172 -3.12 -8.36 15.78
N HIS A 173 -3.76 -9.44 16.27
CA HIS A 173 -3.65 -10.70 15.55
C HIS A 173 -4.28 -10.60 14.16
N ALA A 174 -5.44 -9.94 14.06
CA ALA A 174 -6.08 -9.80 12.76
C ALA A 174 -5.17 -9.04 11.81
N TYR A 175 -4.60 -7.94 12.30
CA TYR A 175 -3.72 -7.16 11.45
C TYR A 175 -2.53 -7.98 11.02
N ALA A 176 -1.87 -8.63 11.97
CA ALA A 176 -0.67 -9.41 11.63
C ALA A 176 -1.00 -10.50 10.64
N VAL A 177 -2.12 -11.20 10.86
CA VAL A 177 -2.51 -12.26 9.92
C VAL A 177 -2.73 -11.65 8.53
N SER A 178 -3.41 -10.50 8.43
CA SER A 178 -3.66 -9.96 7.10
C SER A 178 -2.35 -9.67 6.39
N LYS A 179 -1.35 -9.17 7.12
CA LYS A 179 -0.10 -8.78 6.47
C LYS A 179 0.75 -10.00 6.11
N TYR A 180 0.71 -11.06 6.93
CA TYR A 180 1.33 -12.32 6.54
C TYR A 180 0.66 -12.88 5.27
N GLY A 181 -0.66 -12.81 5.19
CA GLY A 181 -1.31 -13.29 3.96
C GLY A 181 -0.87 -12.47 2.76
N ILE A 182 -0.68 -11.17 2.96
CA ILE A 182 -0.20 -10.31 1.86
C ILE A 182 1.20 -10.71 1.40
N VAL A 183 2.10 -11.02 2.35
CA VAL A 183 3.45 -11.47 1.96
C VAL A 183 3.35 -12.74 1.11
N GLY A 184 2.46 -13.67 1.49
CA GLY A 184 2.30 -14.89 0.71
C GLY A 184 1.70 -14.62 -0.67
N LEU A 185 0.74 -13.69 -0.74
CA LEU A 185 0.19 -13.28 -2.03
C LEU A 185 1.30 -12.76 -2.93
N ALA A 186 2.12 -11.84 -2.40
CA ALA A 186 3.18 -11.22 -3.21
C ALA A 186 4.15 -12.26 -3.73
N LYS A 187 4.55 -13.21 -2.88
N LYS A 187 4.56 -13.19 -2.86
CA LYS A 187 5.46 -14.27 -3.31
CA LYS A 187 5.44 -14.28 -3.28
C LYS A 187 4.85 -15.09 -4.43
C LYS A 187 4.84 -15.07 -4.43
N ASN A 188 3.58 -15.48 -4.28
CA ASN A 188 2.99 -16.32 -5.30
C ASN A 188 2.73 -15.56 -6.59
N LEU A 189 2.33 -14.28 -6.50
CA LEU A 189 2.15 -13.50 -7.72
C LEU A 189 3.48 -13.23 -8.40
N ALA A 190 4.56 -12.97 -7.65
CA ALA A 190 5.87 -12.85 -8.30
C ALA A 190 6.16 -14.10 -9.13
N ALA A 191 5.82 -15.28 -8.59
CA ALA A 191 6.07 -16.51 -9.35
C ALA A 191 5.16 -16.61 -10.58
N GLU A 192 3.88 -16.26 -10.46
CA GLU A 192 3.02 -16.40 -11.64
C GLU A 192 3.35 -15.33 -12.69
N LEU A 193 3.57 -14.09 -12.27
CA LEU A 193 3.58 -12.96 -13.21
C LEU A 193 4.96 -12.66 -13.78
N GLY A 194 6.02 -13.17 -13.14
CA GLY A 194 7.38 -12.98 -13.65
C GLY A 194 7.55 -13.38 -15.11
N GLN A 195 6.94 -14.50 -15.52
CA GLN A 195 7.03 -14.89 -16.92
C GLN A 195 6.43 -13.86 -17.86
N HIS A 196 5.55 -12.99 -17.36
CA HIS A 196 4.97 -11.92 -18.17
C HIS A 196 5.63 -10.58 -17.94
N GLY A 197 6.84 -10.56 -17.36
CA GLY A 197 7.58 -9.31 -17.22
C GLY A 197 7.11 -8.42 -16.09
N ILE A 198 6.32 -8.93 -15.16
CA ILE A 198 5.75 -8.15 -14.07
C ILE A 198 6.46 -8.50 -12.76
N ARG A 199 6.86 -7.47 -12.01
CA ARG A 199 7.49 -7.59 -10.70
C ARG A 199 6.44 -7.44 -9.61
N VAL A 200 6.63 -8.18 -8.50
CA VAL A 200 5.70 -8.12 -7.38
C VAL A 200 6.51 -8.06 -6.08
N ASN A 201 6.28 -7.02 -5.27
CA ASN A 201 7.11 -6.85 -4.07
C ASN A 201 6.24 -6.27 -2.97
N CYS A 202 6.72 -6.38 -1.73
CA CYS A 202 6.13 -5.65 -0.61
C CYS A 202 7.12 -4.61 -0.12
N VAL A 203 6.59 -3.48 0.35
CA VAL A 203 7.35 -2.54 1.17
C VAL A 203 6.67 -2.48 2.51
N SER A 204 7.46 -2.48 3.58
CA SER A 204 6.84 -2.76 4.87
C SER A 204 7.45 -1.98 6.03
N PRO A 205 6.67 -1.13 6.69
CA PRO A 205 7.09 -0.63 8.00
C PRO A 205 7.10 -1.80 8.98
N TYR A 206 7.63 -1.61 10.18
CA TYR A 206 7.62 -2.74 11.12
C TYR A 206 6.19 -3.27 11.30
N GLY A 207 5.29 -2.43 11.78
CA GLY A 207 3.89 -2.76 11.97
C GLY A 207 2.97 -1.57 11.71
N VAL A 208 2.37 -1.00 12.76
CA VAL A 208 1.42 0.10 12.61
C VAL A 208 2.17 1.39 12.33
N VAL A 209 1.59 2.25 11.49
CA VAL A 209 2.15 3.55 11.16
C VAL A 209 0.99 4.53 11.12
N THR A 210 1.28 5.80 11.43
CA THR A 210 0.24 6.83 11.38
C THR A 210 -0.47 6.81 10.03
N GLY A 211 -1.76 7.14 10.04
CA GLY A 211 -2.58 7.13 8.84
C GLY A 211 -3.32 5.84 8.58
N ILE A 212 -3.02 4.77 9.32
CA ILE A 212 -3.80 3.55 9.23
C ILE A 212 -5.24 3.82 9.64
N GLY A 213 -6.19 3.15 8.98
CA GLY A 213 -7.60 3.26 9.34
C GLY A 213 -7.99 2.27 10.44
N GLY A 214 -9.22 2.41 10.93
CA GLY A 214 -9.71 1.56 11.99
C GLY A 214 -11.02 0.91 11.62
N VAL A 215 -11.27 -0.27 12.20
CA VAL A 215 -12.62 -0.83 12.11
C VAL A 215 -13.61 0.15 12.75
N SER A 216 -13.19 0.83 13.82
CA SER A 216 -13.95 1.89 14.48
C SER A 216 -13.05 3.10 14.70
N GLU A 217 -13.66 4.25 15.02
CA GLU A 217 -12.86 5.44 15.28
C GLU A 217 -12.07 5.31 16.57
N VAL A 218 -12.65 4.62 17.57
CA VAL A 218 -11.93 4.30 18.80
C VAL A 218 -10.62 3.59 18.48
N ASP A 219 -10.66 2.69 17.49
CA ASP A 219 -9.44 2.00 17.08
C ASP A 219 -8.39 2.97 16.57
N VAL A 220 -8.80 3.95 15.75
CA VAL A 220 -7.86 4.99 15.31
C VAL A 220 -7.32 5.75 16.51
N ALA A 221 -8.19 6.05 17.47
CA ALA A 221 -7.78 6.82 18.64
C ALA A 221 -6.74 6.07 19.47
N VAL A 222 -6.94 4.76 19.64
CA VAL A 222 -5.94 3.98 20.38
C VAL A 222 -4.62 3.97 19.61
N VAL A 223 -4.68 3.83 18.28
CA VAL A 223 -3.46 3.85 17.47
C VAL A 223 -2.73 5.18 17.64
N GLU A 224 -3.46 6.30 17.51
CA GLU A 224 -2.87 7.63 17.67
C GLU A 224 -2.11 7.74 18.99
N ALA A 225 -2.76 7.32 20.09
CA ALA A 225 -2.14 7.41 21.41
C ALA A 225 -0.81 6.66 21.47
N MET A 226 -0.78 5.42 20.95
CA MET A 226 0.44 4.61 21.06
C MET A 226 1.58 5.20 20.24
N LEU A 227 1.28 5.81 19.10
CA LEU A 227 2.33 6.35 18.24
C LEU A 227 3.00 7.58 18.86
N SER A 228 2.20 8.49 19.46
CA SER A 228 2.76 9.69 20.05
C SER A 228 3.35 9.44 21.44
N GLU A 229 2.98 8.32 22.07
CA GLU A 229 3.54 7.95 23.36
C GLU A 229 5.03 7.62 23.27
N VAL A 230 5.52 7.25 22.10
CA VAL A 230 6.92 6.86 21.95
C VAL A 230 7.49 7.47 20.67
N GLY A 231 6.88 8.54 20.17
CA GLY A 231 7.34 9.09 18.91
C GLY A 231 7.04 10.56 18.61
N ASN A 232 8.06 11.23 18.10
CA ASN A 232 7.91 12.57 17.53
C ASN A 232 6.95 12.51 16.33
N LEU A 233 6.33 13.66 16.03
CA LEU A 233 5.62 13.79 14.77
C LEU A 233 6.60 13.68 13.60
N LYS A 234 7.75 14.34 13.70
CA LYS A 234 8.76 14.25 12.65
C LYS A 234 9.19 12.81 12.42
N GLY A 235 9.18 11.99 13.47
CA GLY A 235 9.60 10.61 13.37
C GLY A 235 8.61 9.71 12.66
N GLN A 236 7.31 9.88 12.92
CA GLN A 236 6.34 9.11 12.16
C GLN A 236 6.39 9.51 10.69
N ILE A 237 6.60 10.80 10.42
CA ILE A 237 6.71 11.28 9.06
C ILE A 237 7.92 10.70 8.37
N LEU A 238 9.01 10.51 9.12
CA LEU A 238 10.21 9.92 8.54
C LEU A 238 10.03 8.43 8.28
N LYS A 239 9.41 7.71 9.21
N LYS A 239 9.37 7.71 9.18
CA LYS A 239 9.04 6.33 8.95
CA LYS A 239 9.09 6.31 8.91
C LYS A 239 8.27 6.22 7.64
C LYS A 239 8.23 6.16 7.65
N ALA A 240 7.21 7.02 7.50
CA ALA A 240 6.36 6.95 6.32
C ALA A 240 7.15 7.30 5.08
N GLU A 241 7.98 8.35 5.14
CA GLU A 241 8.77 8.74 3.99
C GLU A 241 9.80 7.66 3.64
N GLY A 242 10.32 6.94 4.62
CA GLY A 242 11.25 5.87 4.33
C GLY A 242 10.59 4.74 3.55
N VAL A 243 9.35 4.40 3.92
CA VAL A 243 8.60 3.39 3.17
C VAL A 243 8.33 3.90 1.76
N ALA A 244 7.95 5.17 1.63
CA ALA A 244 7.68 5.77 0.33
C ALA A 244 8.90 5.70 -0.57
N LYS A 245 10.06 5.98 -0.01
CA LYS A 245 11.27 5.94 -0.82
C LYS A 245 11.65 4.51 -1.18
N ALA A 246 11.28 3.53 -0.34
CA ALA A 246 11.43 2.14 -0.75
C ALA A 246 10.51 1.83 -1.90
N ALA A 247 9.27 2.32 -1.86
CA ALA A 247 8.36 2.10 -2.97
C ALA A 247 8.87 2.76 -4.24
N LEU A 248 9.48 3.94 -4.09
CA LEU A 248 10.03 4.64 -5.25
C LEU A 248 11.13 3.82 -5.91
N TYR A 249 12.05 3.29 -5.10
CA TYR A 249 13.11 2.45 -5.66
C TYR A 249 12.51 1.23 -6.37
N LEU A 250 11.62 0.49 -5.70
CA LEU A 250 11.11 -0.73 -6.30
C LEU A 250 10.27 -0.46 -7.54
N ALA A 251 9.58 0.67 -7.59
CA ALA A 251 8.73 0.99 -8.74
C ALA A 251 9.51 1.54 -9.94
N SER A 252 10.72 2.03 -9.71
CA SER A 252 11.57 2.62 -10.75
C SER A 252 12.22 1.53 -11.57
N ASP A 253 12.77 1.91 -12.73
CA ASP A 253 13.56 0.99 -13.54
C ASP A 253 14.87 0.58 -12.86
N GLU A 254 15.27 1.24 -11.78
N GLU A 254 15.29 1.29 -11.81
CA GLU A 254 16.45 0.75 -11.11
CA GLU A 254 16.42 0.82 -11.02
C GLU A 254 16.20 -0.50 -10.29
C GLU A 254 16.21 -0.62 -10.57
N ALA A 255 14.97 -1.00 -10.28
CA ALA A 255 14.64 -2.28 -9.68
C ALA A 255 13.98 -3.23 -10.67
N ASN A 256 14.32 -3.09 -11.96
CA ASN A 256 13.81 -3.96 -13.05
C ASN A 256 13.90 -5.45 -12.74
N TYR A 257 14.92 -5.86 -11.98
N TYR A 257 14.92 -5.86 -11.98
CA TYR A 257 15.16 -7.26 -11.70
CA TYR A 257 15.19 -7.26 -11.69
C TYR A 257 14.89 -7.62 -10.23
C TYR A 257 14.87 -7.63 -10.24
N VAL A 258 14.06 -6.83 -9.54
CA VAL A 258 13.77 -7.07 -8.13
C VAL A 258 12.33 -7.50 -8.06
N SER A 259 12.10 -8.77 -7.70
CA SER A 259 10.76 -9.31 -7.54
C SER A 259 10.75 -10.37 -6.44
N GLY A 260 9.62 -10.50 -5.77
CA GLY A 260 9.46 -11.43 -4.66
C GLY A 260 10.05 -10.97 -3.34
N LEU A 261 10.41 -9.71 -3.20
CA LEU A 261 11.05 -9.19 -1.99
C LEU A 261 10.03 -8.60 -1.05
N ASN A 262 10.29 -8.71 0.25
CA ASN A 262 9.57 -7.94 1.26
C ASN A 262 10.58 -6.95 1.79
N LEU A 263 10.52 -5.72 1.32
CA LEU A 263 11.51 -4.72 1.69
C LEU A 263 11.04 -4.07 2.99
N VAL A 264 11.57 -4.55 4.12
CA VAL A 264 11.18 -4.07 5.43
C VAL A 264 12.00 -2.83 5.79
N VAL A 265 11.31 -1.80 6.26
CA VAL A 265 11.90 -0.51 6.60
C VAL A 265 11.62 -0.33 8.09
N ASP A 266 12.53 -0.82 8.94
CA ASP A 266 12.24 -0.77 10.37
C ASP A 266 13.49 -0.50 11.19
N GLY A 267 14.56 0.00 10.57
CA GLY A 267 15.81 0.23 11.29
C GLY A 267 16.45 -1.00 11.86
N GLY A 268 16.04 -2.18 11.40
CA GLY A 268 16.55 -3.42 11.96
C GLY A 268 15.84 -3.87 13.23
N PHE A 269 14.73 -3.23 13.59
CA PHE A 269 14.07 -3.56 14.84
C PHE A 269 13.69 -5.04 14.93
N SER A 270 13.34 -5.66 13.80
CA SER A 270 12.77 -7.00 13.87
C SER A 270 13.79 -8.14 13.92
N VAL A 271 15.10 -7.89 13.79
CA VAL A 271 16.02 -9.04 13.71
C VAL A 271 16.43 -9.56 15.09
N VAL A 272 16.31 -8.76 16.15
CA VAL A 272 16.79 -9.17 17.47
C VAL A 272 15.77 -10.00 18.26
C1 EDO B . 11.10 -10.32 -12.92
O1 EDO B . 12.02 -9.23 -13.06
C2 EDO B . 9.85 -9.99 -13.71
O2 EDO B . 10.17 -10.05 -15.10
C1 EDO C . 7.10 0.03 -13.53
O1 EDO C . 8.48 0.47 -13.52
C2 EDO C . 6.86 -0.75 -14.83
O2 EDO C . 6.98 0.17 -15.94
C1 EDO D . 1.44 14.28 1.12
O1 EDO D . 1.65 15.20 2.19
C2 EDO D . 0.44 14.84 0.11
O2 EDO D . 0.97 16.03 -0.53
C1 EDO E . -10.30 1.44 0.79
O1 EDO E . -10.99 0.90 1.94
C2 EDO E . -9.23 2.42 1.27
O2 EDO E . -8.53 3.06 0.18
C1 EDO F . -7.60 3.87 4.01
O1 EDO F . -8.43 5.01 4.31
C2 EDO F . -8.03 2.69 4.87
O2 EDO F . -9.45 2.49 4.77
C1 EDO G . -5.48 -0.41 -23.31
O1 EDO G . -5.01 0.80 -23.91
C2 EDO G . -4.33 -1.40 -23.15
O2 EDO G . -4.46 -2.11 -21.92
C1 EDO H . -4.14 -3.17 -21.39
O1 EDO H . -5.44 -3.09 -20.80
C2 EDO H . -4.28 -3.34 -22.91
O2 EDO H . -5.26 -2.43 -23.43
C FMT I . -12.46 -12.72 4.44
O1 FMT I . -12.65 -13.05 3.27
O2 FMT I . -13.20 -11.94 5.05
#